data_8CHC
#
_entry.id   8CHC
#
_cell.length_a   47
_cell.length_b   60.85
_cell.length_c   151.55
_cell.angle_alpha   90
_cell.angle_beta   90
_cell.angle_gamma   90
#
_symmetry.space_group_name_H-M   'P 21 21 21'
#
loop_
_entity.id
_entity.type
_entity.pdbx_description
1 polymer 'Agrocinopine utilization periplasmic binding protein AccA'
2 non-polymer 'Agrocinopine D-like (C2-C2 linked; with two alpha-D-glucopyranoses)'
3 water water
#
_entity_poly.entity_id   1
_entity_poly.type   'polypeptide(L)'
_entity_poly.pdbx_seq_one_letter_code
;SAERRALKIGVNGIPVTLEPINAISNVGPRIVNQIFDTLVVRDFFSNGAPGNGINLMPSLAESWERIDDKSVRFKLRQKV
MFHDGVEMTADDVAYTFSSERLWGPDAIKVIPLGGSYALDFDEPVVEDKYTVVIRTKTPTPLTESYMASWMGRIVPKAYY
KTLGTAAFGNKPVGTGPYKFVEFVANDRVVIEANDAYWGLKPTASKITYQLVAEPATRVAGLISGEYDIVTTLTPDDMAL
INSYPDLETRGNIVENFHMFTFNMNQPVFQSKPLRRALALAVNRPLIVQSLWMNKATIPNGFNFPNYGKTFDPNRRAMEY
NIEEAKRLVKESGYDGTPITYHTMGNYYANAVPALMMMIEMWKQIGVTVVPKVYAPGGAPKDQDSYMRNWSNGQWMTDAW
ATMICEFGPKGQVQKRWGWKAPAEFNDLCTKVSQIPDSKERFDAFNRLRDIFEEEAPAVILYQPFDVYAARKDVHWRPIS
FEMMEFRNNLAFGHHHHHH
;
_entity_poly.pdbx_strand_id   A
#
loop_
_chem_comp.id
_chem_comp.type
_chem_comp.name
_chem_comp.formula
Y45 non-polymer 'Agrocinopine D-like (C2-C2 linked; with two alpha-D-glucopyranoses)' 'C12 H23 O14 P'
#
# COMPACT_ATOMS: atom_id res chain seq x y z
N GLU A 3 33.21 7.01 5.82
CA GLU A 3 32.70 5.67 5.54
C GLU A 3 31.17 5.63 5.55
N ARG A 4 30.49 6.27 6.54
CA ARG A 4 29.03 6.32 6.56
C ARG A 4 28.56 7.66 6.08
N ARG A 5 27.89 7.69 4.95
CA ARG A 5 27.45 8.94 4.35
C ARG A 5 26.04 9.32 4.80
N ALA A 6 25.72 10.62 4.71
CA ALA A 6 24.40 11.15 4.92
C ALA A 6 23.71 11.01 3.55
N LEU A 7 22.60 10.25 3.48
CA LEU A 7 21.86 10.02 2.25
C LEU A 7 20.78 11.03 2.10
N LYS A 8 20.63 11.54 0.87
CA LYS A 8 19.63 12.53 0.49
C LYS A 8 18.77 11.86 -0.57
N ILE A 9 17.50 11.64 -0.28
CA ILE A 9 16.58 10.93 -1.14
C ILE A 9 15.48 11.86 -1.62
N GLY A 10 15.36 12.01 -2.93
CA GLY A 10 14.31 12.81 -3.55
C GLY A 10 13.10 11.94 -3.78
N VAL A 11 12.01 12.22 -3.07
CA VAL A 11 10.82 11.38 -3.08
C VAL A 11 9.61 12.04 -3.72
N ASN A 12 8.69 11.22 -4.21
CA ASN A 12 7.43 11.68 -4.80
C ASN A 12 6.43 12.27 -3.78
N GLY A 13 6.54 11.85 -2.53
CA GLY A 13 5.65 12.31 -1.48
C GLY A 13 6.15 11.91 -0.10
N ILE A 14 5.58 12.58 0.91
CA ILE A 14 5.89 12.40 2.32
C ILE A 14 4.58 11.97 3.02
N PRO A 15 4.60 10.92 3.89
CA PRO A 15 3.35 10.51 4.54
C PRO A 15 2.79 11.58 5.45
N VAL A 16 1.48 11.54 5.71
CA VAL A 16 0.83 12.52 6.60
C VAL A 16 1.19 12.33 8.08
N THR A 17 1.70 11.16 8.43
CA THR A 17 2.07 10.77 9.78
C THR A 17 3.15 9.69 9.72
N LEU A 18 3.82 9.44 10.85
CA LEU A 18 4.79 8.36 10.94
C LEU A 18 4.34 7.24 11.89
N GLU A 19 3.05 7.25 12.30
CA GLU A 19 2.44 6.14 13.06
C GLU A 19 2.39 5.00 12.00
N PRO A 20 2.96 3.82 12.27
CA PRO A 20 3.16 2.84 11.19
C PRO A 20 1.95 2.39 10.37
N ILE A 21 0.77 2.25 10.98
CA ILE A 21 -0.41 1.79 10.26
C ILE A 21 -1.00 2.97 9.50
N ASN A 22 -1.14 4.13 10.15
CA ASN A 22 -1.68 5.30 9.48
C ASN A 22 -0.75 5.83 8.38
N ALA A 23 0.54 5.43 8.37
CA ALA A 23 1.49 5.79 7.30
C ALA A 23 1.41 4.84 6.11
N ILE A 24 0.53 3.79 6.13
CA ILE A 24 0.41 2.82 5.04
C ILE A 24 -0.06 3.60 3.82
N SER A 25 0.77 3.56 2.80
CA SER A 25 0.66 4.35 1.57
C SER A 25 1.86 4.00 0.65
N ASN A 26 1.94 4.59 -0.53
CA ASN A 26 3.10 4.40 -1.41
C ASN A 26 4.38 5.07 -0.84
N VAL A 27 4.24 6.10 0.04
CA VAL A 27 5.34 6.92 0.51
C VAL A 27 5.75 6.75 2.00
N GLY A 28 4.89 6.14 2.80
CA GLY A 28 5.19 5.91 4.22
C GLY A 28 6.11 4.75 4.51
N PRO A 29 5.83 3.55 3.97
CA PRO A 29 6.69 2.37 4.27
C PRO A 29 8.20 2.56 4.11
N ARG A 30 8.66 3.28 3.06
CA ARG A 30 10.10 3.50 2.87
C ARG A 30 10.76 4.22 4.05
N ILE A 31 9.98 5.01 4.81
CA ILE A 31 10.49 5.72 6.00
C ILE A 31 10.23 4.85 7.26
N VAL A 32 8.96 4.44 7.52
CA VAL A 32 8.65 3.72 8.77
C VAL A 32 9.37 2.37 8.83
N ASN A 33 9.72 1.79 7.68
CA ASN A 33 10.48 0.53 7.61
C ASN A 33 11.86 0.66 8.30
N GLN A 34 12.42 1.88 8.35
CA GLN A 34 13.71 2.11 8.97
C GLN A 34 13.59 2.46 10.45
N ILE A 35 12.46 3.01 10.88
CA ILE A 35 12.24 3.40 12.28
C ILE A 35 11.75 2.22 13.11
N PHE A 36 10.94 1.31 12.51
CA PHE A 36 10.31 0.22 13.24
C PHE A 36 10.73 -1.13 12.70
N ASP A 37 10.61 -2.15 13.56
CA ASP A 37 10.86 -3.51 13.16
C ASP A 37 9.55 -4.33 13.32
N THR A 38 9.52 -5.54 12.71
CA THR A 38 8.45 -6.54 12.79
C THR A 38 9.01 -7.81 13.48
N LEU A 39 8.10 -8.69 13.96
CA LEU A 39 8.46 -9.95 14.61
C LEU A 39 9.22 -10.86 13.68
N VAL A 40 8.76 -10.94 12.46
CA VAL A 40 9.32 -11.79 11.44
C VAL A 40 9.42 -10.96 10.17
N VAL A 41 10.20 -11.43 9.21
CA VAL A 41 10.37 -10.75 7.93
C VAL A 41 10.28 -11.74 6.79
N ARG A 42 9.84 -11.28 5.61
CA ARG A 42 9.82 -12.17 4.44
C ARG A 42 11.22 -12.26 3.85
N ASP A 43 11.61 -13.43 3.38
CA ASP A 43 12.87 -13.59 2.67
C ASP A 43 12.45 -13.39 1.24
N PHE A 44 12.77 -12.23 0.69
CA PHE A 44 12.35 -11.89 -0.65
C PHE A 44 12.99 -12.73 -1.76
N PHE A 45 14.02 -13.52 -1.44
CA PHE A 45 14.68 -14.35 -2.44
C PHE A 45 14.59 -15.84 -2.14
N SER A 46 13.59 -16.26 -1.34
CA SER A 46 13.44 -17.69 -1.02
C SER A 46 12.76 -18.41 -2.17
N ASN A 47 13.01 -19.71 -2.29
CA ASN A 47 12.42 -20.55 -3.35
C ASN A 47 12.74 -20.03 -4.78
N GLY A 48 13.94 -19.49 -4.98
CA GLY A 48 14.37 -18.94 -6.26
C GLY A 48 13.64 -17.68 -6.71
N ALA A 49 12.95 -16.99 -5.79
CA ALA A 49 12.17 -15.81 -6.16
C ALA A 49 13.05 -14.59 -6.47
N PRO A 50 12.77 -13.79 -7.53
CA PRO A 50 13.63 -12.63 -7.82
C PRO A 50 13.23 -11.34 -7.09
N GLY A 51 12.93 -11.44 -5.80
CA GLY A 51 12.57 -10.28 -4.98
C GLY A 51 11.19 -10.33 -4.35
N ASN A 52 10.36 -11.34 -4.70
CA ASN A 52 8.99 -11.47 -4.17
C ASN A 52 8.75 -12.84 -3.48
N GLY A 53 9.74 -13.30 -2.73
CA GLY A 53 9.69 -14.56 -2.01
C GLY A 53 8.92 -14.42 -0.71
N ILE A 54 8.44 -15.55 -0.18
CA ILE A 54 7.53 -15.55 0.96
C ILE A 54 7.94 -16.41 2.17
N ASN A 55 9.14 -17.08 2.21
CA ASN A 55 9.54 -17.81 3.42
C ASN A 55 9.76 -16.78 4.52
N LEU A 56 9.33 -17.08 5.75
CA LEU A 56 9.45 -16.14 6.86
C LEU A 56 10.68 -16.44 7.66
N MET A 57 11.35 -15.39 8.13
N MET A 57 11.35 -15.39 8.14
CA MET A 57 12.58 -15.51 8.88
CA MET A 57 12.57 -15.53 8.89
C MET A 57 12.51 -14.71 10.18
C MET A 57 12.52 -14.70 10.17
N PRO A 58 13.35 -15.02 11.18
CA PRO A 58 13.32 -14.24 12.43
C PRO A 58 13.68 -12.79 12.28
N SER A 59 13.16 -11.97 13.21
CA SER A 59 13.50 -10.57 13.30
C SER A 59 13.37 -10.21 14.80
N LEU A 60 12.34 -9.41 15.25
CA LEU A 60 12.21 -9.18 16.69
C LEU A 60 11.88 -10.49 17.43
N ALA A 61 11.30 -11.49 16.73
CA ALA A 61 11.05 -12.78 17.31
C ALA A 61 12.18 -13.67 16.84
N GLU A 62 12.86 -14.31 17.78
CA GLU A 62 13.92 -15.25 17.44
C GLU A 62 13.35 -16.59 16.97
N SER A 63 12.15 -16.95 17.47
CA SER A 63 11.50 -18.18 17.08
C SER A 63 9.97 -18.05 17.29
N TRP A 64 9.24 -18.93 16.67
CA TRP A 64 7.79 -18.94 16.77
C TRP A 64 7.24 -20.30 16.44
N GLU A 65 6.11 -20.63 17.07
CA GLU A 65 5.48 -21.93 16.89
C GLU A 65 3.95 -21.72 16.79
N ARG A 66 3.32 -22.25 15.75
CA ARG A 66 1.88 -22.29 15.66
C ARG A 66 1.44 -23.40 16.61
N ILE A 67 0.64 -23.05 17.61
CA ILE A 67 0.13 -24.04 18.60
C ILE A 67 -1.11 -24.74 18.04
N ASP A 68 -2.02 -23.98 17.47
CA ASP A 68 -3.28 -24.49 16.93
C ASP A 68 -3.77 -23.54 15.86
N ASP A 69 -4.91 -23.85 15.24
CA ASP A 69 -5.45 -23.03 14.18
C ASP A 69 -5.83 -21.58 14.56
N LYS A 70 -5.68 -21.20 15.82
CA LYS A 70 -5.99 -19.85 16.28
C LYS A 70 -4.86 -19.17 17.05
N SER A 71 -3.71 -19.83 17.28
CA SER A 71 -2.72 -19.29 18.22
C SER A 71 -1.29 -19.54 17.76
N VAL A 72 -0.44 -18.52 17.87
CA VAL A 72 0.97 -18.60 17.49
C VAL A 72 1.79 -17.99 18.58
N ARG A 73 2.73 -18.75 19.14
CA ARG A 73 3.60 -18.30 20.20
C ARG A 73 4.87 -17.73 19.60
N PHE A 74 5.28 -16.54 20.04
CA PHE A 74 6.51 -15.88 19.59
C PHE A 74 7.44 -15.70 20.76
N LYS A 75 8.69 -16.17 20.59
CA LYS A 75 9.77 -16.02 21.57
C LYS A 75 10.59 -14.83 21.07
N LEU A 76 10.65 -13.78 21.89
CA LEU A 76 11.25 -12.54 21.50
C LEU A 76 12.71 -12.47 21.79
N ARG A 77 13.43 -11.69 20.99
CA ARG A 77 14.83 -11.35 21.26
C ARG A 77 14.87 -10.56 22.57
N GLN A 78 15.94 -10.73 23.33
CA GLN A 78 16.13 -10.07 24.60
C GLN A 78 17.07 -8.88 24.45
N LYS A 79 16.90 -7.87 25.33
CA LYS A 79 17.70 -6.67 25.40
C LYS A 79 17.57 -5.80 24.14
N VAL A 80 16.43 -5.90 23.42
CA VAL A 80 16.15 -5.03 22.27
C VAL A 80 15.73 -3.71 22.89
N MET A 81 16.30 -2.60 22.44
CA MET A 81 15.95 -1.30 22.99
C MET A 81 15.15 -0.47 22.02
N PHE A 82 14.10 0.20 22.53
CA PHE A 82 13.41 1.24 21.76
C PHE A 82 14.38 2.45 21.74
N HIS A 83 14.16 3.39 20.83
CA HIS A 83 15.06 4.54 20.68
C HIS A 83 15.21 5.41 21.93
N ASP A 84 14.23 5.39 22.83
CA ASP A 84 14.30 6.14 24.09
C ASP A 84 14.97 5.35 25.26
N GLY A 85 15.53 4.19 24.97
CA GLY A 85 16.24 3.40 25.96
C GLY A 85 15.37 2.48 26.79
N VAL A 86 14.09 2.25 26.41
CA VAL A 86 13.19 1.34 27.12
C VAL A 86 13.32 -0.02 26.45
N GLU A 87 13.51 -1.08 27.22
CA GLU A 87 13.65 -2.41 26.63
C GLU A 87 12.28 -2.83 26.07
N MET A 88 12.28 -3.47 24.91
CA MET A 88 11.09 -4.02 24.28
C MET A 88 10.76 -5.35 24.95
N THR A 89 9.50 -5.59 25.30
CA THR A 89 9.08 -6.86 25.93
C THR A 89 7.76 -7.34 25.27
N ALA A 90 7.27 -8.53 25.69
CA ALA A 90 5.99 -9.06 25.22
C ALA A 90 4.85 -8.06 25.46
N ASP A 91 4.94 -7.18 26.47
CA ASP A 91 3.86 -6.21 26.71
C ASP A 91 3.70 -5.26 25.52
N ASP A 92 4.82 -4.88 24.88
CA ASP A 92 4.80 -3.96 23.74
C ASP A 92 4.19 -4.67 22.53
N VAL A 93 4.57 -5.93 22.31
CA VAL A 93 4.00 -6.70 21.20
C VAL A 93 2.51 -6.96 21.44
N ALA A 94 2.13 -7.32 22.65
CA ALA A 94 0.71 -7.52 23.01
C ALA A 94 -0.08 -6.21 22.73
N TYR A 95 0.48 -5.06 23.13
CA TYR A 95 -0.19 -3.78 22.91
C TYR A 95 -0.34 -3.46 21.42
N THR A 96 0.69 -3.75 20.62
CA THR A 96 0.62 -3.51 19.17
C THR A 96 -0.62 -4.16 18.52
N PHE A 97 -0.98 -5.39 18.93
CA PHE A 97 -2.12 -6.08 18.34
C PHE A 97 -3.29 -6.19 19.31
N SER A 98 -3.44 -5.21 20.21
CA SER A 98 -4.48 -5.20 21.19
C SER A 98 -5.79 -4.62 20.64
N SER A 99 -6.87 -4.90 21.35
CA SER A 99 -8.18 -4.34 21.07
C SER A 99 -8.10 -2.81 21.27
N GLU A 100 -7.41 -2.36 22.32
CA GLU A 100 -7.32 -0.94 22.63
C GLU A 100 -6.67 -0.14 21.51
N ARG A 101 -5.57 -0.64 20.98
CA ARG A 101 -4.80 0.10 19.97
C ARG A 101 -5.24 -0.16 18.53
N LEU A 102 -5.54 -1.41 18.18
CA LEU A 102 -5.76 -1.78 16.79
C LEU A 102 -7.20 -2.16 16.35
N TRP A 103 -7.81 -3.20 16.94
CA TRP A 103 -9.03 -3.78 16.36
C TRP A 103 -10.31 -3.63 17.15
N GLY A 104 -10.26 -2.93 18.27
CA GLY A 104 -11.44 -2.69 19.09
C GLY A 104 -12.29 -1.56 18.56
N PRO A 105 -13.49 -1.32 19.15
CA PRO A 105 -14.34 -0.23 18.64
C PRO A 105 -13.76 1.17 18.79
N ASP A 106 -13.16 1.49 19.95
CA ASP A 106 -12.56 2.82 20.14
C ASP A 106 -11.31 3.03 19.26
N ALA A 107 -10.51 1.98 19.06
CA ALA A 107 -9.29 2.02 18.21
C ALA A 107 -9.56 2.47 16.78
N ILE A 108 -10.72 2.09 16.22
CA ILE A 108 -11.07 2.42 14.84
C ILE A 108 -11.28 3.95 14.64
N LYS A 109 -11.42 4.74 15.72
CA LYS A 109 -11.60 6.20 15.60
C LYS A 109 -10.29 6.93 15.25
N VAL A 110 -9.15 6.39 15.70
CA VAL A 110 -7.83 7.01 15.52
C VAL A 110 -6.96 6.27 14.48
N ILE A 111 -7.22 4.97 14.25
CA ILE A 111 -6.57 4.17 13.20
C ILE A 111 -7.77 3.74 12.40
N PRO A 112 -8.32 4.61 11.52
CA PRO A 112 -9.61 4.29 10.90
C PRO A 112 -9.66 2.99 10.13
N LEU A 113 -8.56 2.60 9.50
CA LEU A 113 -8.50 1.38 8.70
C LEU A 113 -8.03 0.14 9.50
N GLY A 114 -7.75 0.28 10.80
CA GLY A 114 -7.32 -0.80 11.66
C GLY A 114 -8.27 -1.97 11.67
N GLY A 115 -9.56 -1.69 11.78
CA GLY A 115 -10.59 -2.71 11.76
C GLY A 115 -10.63 -3.52 10.47
N SER A 116 -10.63 -2.83 9.31
CA SER A 116 -10.66 -3.49 8.01
C SER A 116 -9.40 -4.22 7.61
N TYR A 117 -8.23 -3.78 8.12
CA TYR A 117 -6.94 -4.43 7.81
C TYR A 117 -6.54 -5.45 8.88
N ALA A 118 -7.31 -5.59 9.98
CA ALA A 118 -6.97 -6.54 11.02
C ALA A 118 -7.47 -7.92 10.66
N LEU A 119 -6.75 -8.92 11.13
CA LEU A 119 -7.26 -10.28 11.13
C LEU A 119 -8.34 -10.31 12.26
N ASP A 120 -9.08 -11.41 12.40
CA ASP A 120 -10.10 -11.53 13.46
C ASP A 120 -9.40 -11.84 14.80
N PHE A 121 -8.65 -10.86 15.33
CA PHE A 121 -7.88 -11.02 16.54
C PHE A 121 -8.69 -11.14 17.82
N ASP A 122 -8.14 -11.90 18.78
CA ASP A 122 -8.56 -11.90 20.16
C ASP A 122 -7.37 -11.24 20.89
N GLU A 123 -7.53 -10.97 22.18
CA GLU A 123 -6.50 -10.27 22.93
C GLU A 123 -5.21 -11.11 23.04
N PRO A 124 -4.01 -10.54 22.71
CA PRO A 124 -2.77 -11.31 22.88
C PRO A 124 -2.58 -11.75 24.34
N VAL A 125 -1.82 -12.82 24.56
CA VAL A 125 -1.53 -13.32 25.91
C VAL A 125 -0.01 -13.19 26.12
N VAL A 126 0.39 -12.54 27.19
CA VAL A 126 1.79 -12.41 27.55
C VAL A 126 2.08 -13.57 28.54
N GLU A 127 2.94 -14.52 28.14
CA GLU A 127 3.28 -15.67 29.00
C GLU A 127 4.41 -15.33 29.96
N ASP A 128 5.39 -14.59 29.48
CA ASP A 128 6.49 -14.05 30.28
C ASP A 128 7.08 -12.83 29.55
N LYS A 129 8.10 -12.19 30.13
CA LYS A 129 8.73 -11.00 29.58
C LYS A 129 9.06 -11.10 28.11
N TYR A 130 9.50 -12.28 27.61
CA TYR A 130 9.89 -12.44 26.21
C TYR A 130 9.07 -13.46 25.47
N THR A 131 7.80 -13.69 25.87
CA THR A 131 6.97 -14.65 25.18
C THR A 131 5.55 -14.12 25.09
N VAL A 132 5.02 -14.09 23.87
CA VAL A 132 3.69 -13.56 23.57
C VAL A 132 2.97 -14.50 22.62
N VAL A 133 1.66 -14.69 22.82
CA VAL A 133 0.85 -15.52 21.97
C VAL A 133 -0.14 -14.62 21.28
N ILE A 134 -0.10 -14.62 19.94
CA ILE A 134 -1.00 -13.85 19.11
C ILE A 134 -2.13 -14.83 18.79
N ARG A 135 -3.36 -14.40 19.05
CA ARG A 135 -4.55 -15.25 18.94
C ARG A 135 -5.57 -14.65 18.00
N THR A 136 -6.34 -15.53 17.32
CA THR A 136 -7.49 -15.15 16.53
C THR A 136 -8.76 -15.82 17.11
N LYS A 137 -9.89 -15.12 17.03
CA LYS A 137 -11.18 -15.62 17.53
C LYS A 137 -11.68 -16.79 16.66
N THR A 138 -11.36 -16.76 15.37
CA THR A 138 -11.70 -17.80 14.43
C THR A 138 -10.42 -18.31 13.77
N PRO A 139 -10.39 -19.54 13.22
CA PRO A 139 -9.15 -20.02 12.59
C PRO A 139 -8.67 -19.23 11.37
N THR A 140 -7.36 -18.99 11.28
CA THR A 140 -6.73 -18.37 10.10
C THR A 140 -5.28 -18.84 9.99
N PRO A 141 -4.83 -19.21 8.79
CA PRO A 141 -3.42 -19.57 8.62
C PRO A 141 -2.51 -18.35 8.37
N LEU A 142 -3.08 -17.13 8.32
CA LEU A 142 -2.34 -15.93 7.91
C LEU A 142 -1.57 -15.19 8.99
N THR A 143 -1.70 -15.59 10.25
CA THR A 143 -1.10 -14.85 11.36
C THR A 143 0.40 -14.53 11.19
N GLU A 144 1.18 -15.54 10.84
CA GLU A 144 2.61 -15.43 10.76
C GLU A 144 3.01 -14.47 9.62
N SER A 145 2.44 -14.66 8.42
CA SER A 145 2.79 -13.76 7.30
C SER A 145 2.27 -12.34 7.54
N TYR A 146 1.13 -12.20 8.26
CA TYR A 146 0.60 -10.91 8.67
C TYR A 146 1.61 -10.17 9.53
N MET A 147 2.33 -10.88 10.41
CA MET A 147 3.35 -10.26 11.26
C MET A 147 4.57 -9.74 10.49
N ALA A 148 4.79 -10.21 9.28
CA ALA A 148 5.87 -9.75 8.39
C ALA A 148 5.40 -8.56 7.51
N SER A 149 4.12 -8.19 7.59
CA SER A 149 3.51 -7.19 6.75
C SER A 149 3.66 -5.79 7.35
N TRP A 150 3.23 -4.77 6.59
CA TRP A 150 3.20 -3.40 7.08
C TRP A 150 2.20 -3.16 8.23
N MET A 151 1.36 -4.17 8.61
CA MET A 151 0.49 -4.03 9.80
C MET A 151 1.24 -4.46 11.11
N GLY A 152 2.36 -5.16 10.98
CA GLY A 152 3.08 -5.74 12.11
C GLY A 152 4.22 -4.97 12.76
N ARG A 153 4.38 -3.66 12.49
CA ARG A 153 5.49 -2.91 13.09
C ARG A 153 5.21 -2.66 14.54
N ILE A 154 6.18 -3.01 15.41
CA ILE A 154 6.02 -2.99 16.85
C ILE A 154 6.24 -1.61 17.41
N VAL A 155 5.29 -1.16 18.23
CA VAL A 155 5.30 0.14 18.85
C VAL A 155 5.54 -0.03 20.37
N PRO A 156 6.11 1.01 21.02
CA PRO A 156 6.32 0.95 22.47
C PRO A 156 5.02 1.24 23.26
N LYS A 157 4.53 0.29 24.05
CA LYS A 157 3.27 0.46 24.75
C LYS A 157 3.19 1.73 25.61
N ALA A 158 4.11 1.91 26.57
CA ALA A 158 4.00 3.03 27.50
C ALA A 158 4.02 4.39 26.82
N TYR A 159 5.01 4.60 25.95
CA TYR A 159 5.18 5.86 25.23
C TYR A 159 4.01 6.14 24.28
N TYR A 160 3.65 5.15 23.47
CA TYR A 160 2.53 5.27 22.51
C TYR A 160 1.18 5.57 23.21
N LYS A 161 0.85 4.79 24.26
CA LYS A 161 -0.40 4.97 24.98
C LYS A 161 -0.45 6.32 25.67
N THR A 162 0.71 6.82 26.13
CA THR A 162 0.74 8.12 26.81
C THR A 162 0.45 9.26 25.84
N LEU A 163 1.12 9.24 24.69
CA LEU A 163 1.00 10.30 23.67
C LEU A 163 -0.31 10.21 22.88
N GLY A 164 -0.76 8.99 22.58
CA GLY A 164 -1.91 8.78 21.71
C GLY A 164 -1.43 8.59 20.30
N THR A 165 -2.23 7.89 19.48
CA THR A 165 -1.89 7.59 18.07
C THR A 165 -1.42 8.84 17.30
N ALA A 166 -2.19 9.96 17.35
CA ALA A 166 -1.83 11.17 16.59
C ALA A 166 -0.50 11.83 17.00
N ALA A 167 -0.28 12.08 18.29
CA ALA A 167 0.96 12.72 18.75
C ALA A 167 2.15 11.77 18.57
N PHE A 168 1.94 10.44 18.74
CA PHE A 168 3.01 9.47 18.49
C PHE A 168 3.50 9.57 17.04
N GLY A 169 2.55 9.78 16.11
CA GLY A 169 2.85 9.90 14.70
C GLY A 169 3.75 11.05 14.32
N ASN A 170 3.78 12.10 15.15
CA ASN A 170 4.67 13.24 14.97
C ASN A 170 6.01 13.06 15.71
N LYS A 171 6.13 12.09 16.63
CA LYS A 171 7.37 11.86 17.38
C LYS A 171 7.55 10.39 17.60
N PRO A 172 7.66 9.60 16.52
CA PRO A 172 7.71 8.15 16.69
C PRO A 172 8.98 7.61 17.33
N VAL A 173 8.78 6.49 18.06
CA VAL A 173 9.84 5.77 18.76
C VAL A 173 9.64 4.31 18.40
N GLY A 174 10.68 3.72 17.83
CA GLY A 174 10.66 2.33 17.43
C GLY A 174 11.93 1.63 17.86
N THR A 175 12.11 0.41 17.37
CA THR A 175 13.34 -0.37 17.64
C THR A 175 14.27 -0.47 16.40
N GLY A 176 13.90 0.18 15.33
CA GLY A 176 14.59 0.05 14.05
C GLY A 176 15.98 0.65 13.96
N PRO A 177 16.67 0.41 12.81
CA PRO A 177 18.09 0.87 12.66
C PRO A 177 18.28 2.37 12.55
N TYR A 178 17.18 3.15 12.33
CA TYR A 178 17.27 4.61 12.29
C TYR A 178 16.24 5.19 13.24
N LYS A 179 16.60 6.28 13.91
CA LYS A 179 15.72 6.94 14.86
C LYS A 179 15.28 8.30 14.35
N PHE A 180 14.09 8.68 14.79
CA PHE A 180 13.44 9.90 14.35
C PHE A 180 14.23 11.16 14.69
N VAL A 181 14.34 12.12 13.75
CA VAL A 181 14.98 13.43 13.99
C VAL A 181 13.93 14.55 13.78
N GLU A 182 13.35 14.64 12.58
CA GLU A 182 12.36 15.67 12.29
C GLU A 182 11.41 15.30 11.16
N PHE A 183 10.22 15.90 11.17
CA PHE A 183 9.18 15.69 10.20
C PHE A 183 8.51 17.04 9.96
N VAL A 184 8.58 17.52 8.71
CA VAL A 184 7.95 18.77 8.29
C VAL A 184 6.93 18.31 7.27
N ALA A 185 5.62 18.43 7.59
CA ALA A 185 4.50 18.01 6.74
C ALA A 185 4.66 18.53 5.33
N ASN A 186 4.48 17.65 4.33
CA ASN A 186 4.58 18.03 2.91
C ASN A 186 5.97 18.56 2.53
N ASP A 187 7.06 18.13 3.22
CA ASP A 187 8.40 18.66 2.89
C ASP A 187 9.51 17.63 3.12
N ARG A 188 9.73 17.21 4.39
CA ARG A 188 10.81 16.26 4.65
C ARG A 188 10.67 15.47 5.94
N VAL A 189 11.39 14.37 6.00
CA VAL A 189 11.56 13.56 7.19
C VAL A 189 13.06 13.29 7.26
N VAL A 190 13.66 13.42 8.45
CA VAL A 190 15.07 13.13 8.69
C VAL A 190 15.14 12.11 9.78
N ILE A 191 15.91 11.06 9.55
CA ILE A 191 16.19 10.00 10.53
C ILE A 191 17.70 9.81 10.62
N GLU A 192 18.18 9.36 11.79
CA GLU A 192 19.61 9.18 12.05
C GLU A 192 19.94 7.76 12.49
N ALA A 193 21.18 7.33 12.24
CA ALA A 193 21.65 6.00 12.63
C ALA A 193 21.43 5.71 14.11
N ASN A 194 20.88 4.52 14.39
CA ASN A 194 20.66 4.02 15.73
C ASN A 194 21.74 2.96 15.93
N ASP A 195 22.85 3.37 16.52
CA ASP A 195 23.96 2.43 16.75
C ASP A 195 23.70 1.47 17.92
N ALA A 196 22.59 1.66 18.66
CA ALA A 196 22.13 0.73 19.69
C ALA A 196 21.24 -0.38 19.08
N TYR A 197 21.11 -0.42 17.73
CA TYR A 197 20.28 -1.38 17.05
C TYR A 197 20.73 -2.79 17.35
N TRP A 198 19.77 -3.68 17.51
CA TRP A 198 20.02 -5.09 17.83
C TRP A 198 20.61 -5.87 16.68
N GLY A 199 20.34 -5.44 15.45
CA GLY A 199 20.78 -6.14 14.25
C GLY A 199 22.03 -5.52 13.64
N LEU A 200 22.19 -5.66 12.34
CA LEU A 200 23.39 -5.13 11.67
C LEU A 200 23.48 -3.64 11.82
N LYS A 201 24.67 -3.12 12.12
CA LYS A 201 24.85 -1.69 12.36
C LYS A 201 24.39 -0.89 11.15
N PRO A 202 23.64 0.22 11.34
CA PRO A 202 23.26 1.03 10.17
C PRO A 202 24.49 1.47 9.35
N THR A 203 24.35 1.50 8.02
CA THR A 203 25.48 1.85 7.14
C THR A 203 25.46 3.29 6.61
N ALA A 204 24.45 4.08 6.93
CA ALA A 204 24.37 5.49 6.60
C ALA A 204 24.29 6.23 7.93
N SER A 205 24.84 7.42 7.99
CA SER A 205 24.80 8.22 9.23
C SER A 205 23.43 8.88 9.45
N LYS A 206 22.75 9.20 8.36
CA LYS A 206 21.50 9.89 8.40
C LYS A 206 20.83 9.75 7.06
N ILE A 207 19.50 9.82 7.05
CA ILE A 207 18.75 9.74 5.82
C ILE A 207 17.76 10.88 5.84
N THR A 208 17.70 11.66 4.76
CA THR A 208 16.73 12.73 4.60
C THR A 208 15.85 12.37 3.42
N TYR A 209 14.54 12.30 3.64
CA TYR A 209 13.54 12.06 2.59
C TYR A 209 12.99 13.43 2.28
N GLN A 210 13.24 13.95 1.09
CA GLN A 210 12.84 15.31 0.68
C GLN A 210 11.80 15.21 -0.44
N LEU A 211 10.66 15.87 -0.26
CA LEU A 211 9.64 15.89 -1.29
C LEU A 211 10.18 16.70 -2.49
N VAL A 212 10.11 16.08 -3.67
CA VAL A 212 10.44 16.68 -4.96
C VAL A 212 9.27 16.26 -5.85
N ALA A 213 8.24 17.10 -5.94
CA ALA A 213 6.99 16.70 -6.59
C ALA A 213 7.10 16.26 -8.06
N GLU A 214 7.83 17.02 -8.88
CA GLU A 214 7.94 16.71 -10.31
C GLU A 214 9.09 15.71 -10.61
N PRO A 215 8.84 14.61 -11.38
CA PRO A 215 9.91 13.65 -11.63
C PRO A 215 11.09 14.19 -12.39
N ALA A 216 10.88 15.14 -13.34
CA ALA A 216 12.02 15.74 -14.06
C ALA A 216 12.94 16.49 -13.11
N THR A 217 12.39 17.12 -12.06
CA THR A 217 13.19 17.79 -11.04
C THR A 217 13.98 16.77 -10.20
N ARG A 218 13.41 15.60 -9.93
CA ARG A 218 14.10 14.51 -9.23
C ARG A 218 15.29 14.01 -10.07
N VAL A 219 15.05 13.76 -11.37
CA VAL A 219 16.10 13.30 -12.28
C VAL A 219 17.24 14.35 -12.33
N ALA A 220 16.86 15.64 -12.43
CA ALA A 220 17.85 16.72 -12.46
C ALA A 220 18.65 16.83 -11.17
N GLY A 221 18.00 16.59 -10.03
CA GLY A 221 18.67 16.60 -8.73
C GLY A 221 19.65 15.47 -8.55
N LEU A 222 19.34 14.28 -9.09
CA LEU A 222 20.28 13.15 -9.05
C LEU A 222 21.49 13.49 -9.94
N ILE A 223 21.23 14.02 -11.13
CA ILE A 223 22.31 14.37 -12.06
C ILE A 223 23.27 15.43 -11.44
N SER A 224 22.74 16.42 -10.72
CA SER A 224 23.59 17.45 -10.11
C SER A 224 24.26 17.04 -8.81
N GLY A 225 23.90 15.90 -8.24
CA GLY A 225 24.45 15.47 -6.96
C GLY A 225 23.70 15.99 -5.75
N GLU A 226 22.54 16.66 -5.94
CA GLU A 226 21.73 17.11 -4.82
C GLU A 226 21.11 15.90 -4.10
N TYR A 227 20.73 14.85 -4.86
CA TYR A 227 20.18 13.62 -4.30
C TYR A 227 21.07 12.44 -4.66
N ASP A 228 21.22 11.55 -3.71
CA ASP A 228 21.92 10.29 -3.83
C ASP A 228 21.00 9.22 -4.46
N ILE A 229 19.68 9.29 -4.17
CA ILE A 229 18.65 8.34 -4.60
C ILE A 229 17.40 9.14 -4.93
N VAL A 230 16.66 8.72 -5.96
CA VAL A 230 15.36 9.31 -6.34
C VAL A 230 14.38 8.19 -6.65
N THR A 231 13.10 8.40 -6.30
CA THR A 231 12.04 7.40 -6.44
C THR A 231 11.01 7.80 -7.48
N THR A 232 10.12 6.85 -7.86
CA THR A 232 8.90 7.02 -8.64
C THR A 232 9.16 7.62 -10.01
N LEU A 233 10.09 7.01 -10.73
CA LEU A 233 10.41 7.38 -12.11
C LEU A 233 9.68 6.40 -13.06
N THR A 234 9.77 6.64 -14.36
CA THR A 234 9.14 5.80 -15.37
C THR A 234 10.23 5.19 -16.29
N PRO A 235 9.92 4.12 -17.08
CA PRO A 235 10.92 3.62 -18.03
C PRO A 235 11.54 4.65 -18.96
N ASP A 236 10.78 5.71 -19.31
CA ASP A 236 11.26 6.76 -20.20
C ASP A 236 12.49 7.51 -19.64
N ASP A 237 12.65 7.59 -18.32
CA ASP A 237 13.78 8.27 -17.71
C ASP A 237 15.08 7.43 -17.68
N MET A 238 15.00 6.14 -18.01
CA MET A 238 16.13 5.24 -17.86
C MET A 238 17.30 5.52 -18.78
N ALA A 239 17.04 5.74 -20.08
CA ALA A 239 18.12 5.97 -21.05
C ALA A 239 19.01 7.16 -20.64
N LEU A 240 18.40 8.32 -20.31
CA LEU A 240 19.17 9.49 -19.89
C LEU A 240 19.99 9.20 -18.63
N ILE A 241 19.36 8.61 -17.59
CA ILE A 241 20.09 8.40 -16.33
C ILE A 241 21.25 7.41 -16.54
N ASN A 242 21.01 6.30 -17.23
CA ASN A 242 22.03 5.29 -17.48
C ASN A 242 23.15 5.78 -18.39
N SER A 243 22.96 6.88 -19.12
CA SER A 243 24.02 7.45 -19.94
C SER A 243 25.07 8.18 -19.06
N TYR A 244 24.85 8.30 -17.71
CA TYR A 244 25.81 8.91 -16.78
C TYR A 244 26.57 7.74 -16.14
N PRO A 245 27.93 7.67 -16.26
CA PRO A 245 28.63 6.50 -15.70
C PRO A 245 28.53 6.33 -14.20
N ASP A 246 28.34 7.42 -13.46
CA ASP A 246 28.25 7.34 -11.99
C ASP A 246 26.79 7.14 -11.46
N LEU A 247 25.79 6.98 -12.35
CA LEU A 247 24.39 6.78 -11.96
C LEU A 247 23.84 5.49 -12.56
N GLU A 248 22.73 5.00 -12.00
CA GLU A 248 22.05 3.84 -12.55
C GLU A 248 20.57 3.80 -12.14
N THR A 249 19.77 3.03 -12.88
CA THR A 249 18.36 2.84 -12.61
C THR A 249 18.07 1.37 -12.34
N ARG A 250 16.95 1.12 -11.68
CA ARG A 250 16.47 -0.23 -11.39
C ARG A 250 14.96 -0.17 -11.56
N GLY A 251 14.41 -1.08 -12.34
CA GLY A 251 12.97 -1.14 -12.56
C GLY A 251 12.43 -2.53 -12.39
N ASN A 252 11.16 -2.63 -11.96
N ASN A 252 11.17 -2.63 -11.92
CA ASN A 252 10.49 -3.91 -11.80
CA ASN A 252 10.51 -3.93 -11.72
C ASN A 252 8.98 -3.75 -11.62
C ASN A 252 8.99 -3.75 -11.60
N ILE A 253 8.23 -4.78 -11.99
CA ILE A 253 6.78 -4.79 -11.81
C ILE A 253 6.56 -4.98 -10.30
N VAL A 254 5.83 -4.06 -9.69
CA VAL A 254 5.50 -4.10 -8.27
C VAL A 254 4.14 -4.79 -8.03
N GLU A 255 3.97 -5.37 -6.85
CA GLU A 255 2.76 -6.08 -6.42
C GLU A 255 1.81 -5.01 -5.93
N ASN A 256 1.42 -4.13 -6.84
CA ASN A 256 0.57 -2.98 -6.60
C ASN A 256 -0.11 -2.63 -7.91
N PHE A 257 -1.35 -2.17 -7.86
CA PHE A 257 -2.03 -1.75 -9.08
C PHE A 257 -2.49 -0.31 -8.94
N HIS A 258 -2.37 0.45 -10.02
CA HIS A 258 -2.92 1.80 -10.12
C HIS A 258 -4.38 1.63 -10.52
N MET A 259 -5.20 2.59 -10.10
CA MET A 259 -6.61 2.57 -10.41
C MET A 259 -7.18 3.98 -10.39
N PHE A 260 -8.42 4.09 -10.87
CA PHE A 260 -9.25 5.25 -10.64
C PHE A 260 -10.50 4.75 -9.95
N THR A 261 -11.08 5.60 -9.12
CA THR A 261 -12.22 5.24 -8.29
C THR A 261 -13.14 6.43 -8.14
N PHE A 262 -14.27 6.23 -7.46
CA PHE A 262 -15.34 7.20 -7.39
C PHE A 262 -15.83 7.44 -5.98
N ASN A 263 -16.37 8.65 -5.76
CA ASN A 263 -17.00 8.99 -4.50
C ASN A 263 -18.45 8.62 -4.77
N MET A 264 -18.85 7.44 -4.32
CA MET A 264 -20.17 6.89 -4.57
C MET A 264 -21.25 7.43 -3.62
N ASN A 265 -20.89 8.35 -2.70
CA ASN A 265 -21.87 9.13 -1.95
C ASN A 265 -22.47 10.19 -2.93
N GLN A 266 -21.73 10.61 -4.00
CA GLN A 266 -22.22 11.59 -4.96
C GLN A 266 -23.33 10.98 -5.83
N PRO A 267 -24.47 11.66 -6.09
CA PRO A 267 -25.51 11.05 -6.92
C PRO A 267 -25.08 10.60 -8.33
N VAL A 268 -24.18 11.33 -8.97
CA VAL A 268 -23.67 10.95 -10.29
C VAL A 268 -23.00 9.54 -10.29
N PHE A 269 -22.49 9.08 -9.14
CA PHE A 269 -21.86 7.74 -9.01
C PHE A 269 -22.50 6.83 -7.95
N GLN A 270 -23.77 7.09 -7.53
CA GLN A 270 -24.44 6.22 -6.56
C GLN A 270 -24.83 4.85 -7.15
N SER A 271 -24.98 4.76 -8.50
CA SER A 271 -25.35 3.52 -9.21
C SER A 271 -24.23 3.13 -10.20
N LYS A 272 -24.15 1.84 -10.54
CA LYS A 272 -23.09 1.30 -11.41
C LYS A 272 -23.06 1.72 -12.93
N PRO A 273 -24.18 2.04 -13.63
CA PRO A 273 -24.07 2.28 -15.09
C PRO A 273 -22.98 3.26 -15.59
N LEU A 274 -22.88 4.46 -15.02
CA LEU A 274 -21.89 5.44 -15.47
C LEU A 274 -20.47 5.03 -15.00
N ARG A 275 -20.36 4.41 -13.81
CA ARG A 275 -19.06 3.91 -13.33
C ARG A 275 -18.52 2.85 -14.30
N ARG A 276 -19.38 1.90 -14.68
CA ARG A 276 -19.03 0.82 -15.60
C ARG A 276 -18.79 1.36 -17.01
N ALA A 277 -19.51 2.41 -17.43
CA ALA A 277 -19.30 3.01 -18.75
C ALA A 277 -17.86 3.57 -18.82
N LEU A 278 -17.44 4.33 -17.79
CA LEU A 278 -16.11 4.89 -17.75
C LEU A 278 -15.05 3.78 -17.71
N ALA A 279 -15.34 2.68 -17.00
CA ALA A 279 -14.46 1.51 -16.90
C ALA A 279 -14.27 0.86 -18.28
N LEU A 280 -15.38 0.65 -19.02
CA LEU A 280 -15.35 -0.01 -20.32
C LEU A 280 -14.68 0.84 -21.41
N ALA A 281 -14.56 2.16 -21.22
CA ALA A 281 -13.94 3.04 -22.21
C ALA A 281 -12.41 3.17 -22.09
N VAL A 282 -11.81 2.55 -21.07
CA VAL A 282 -10.37 2.67 -20.85
C VAL A 282 -9.61 1.68 -21.74
N ASN A 283 -8.77 2.20 -22.63
CA ASN A 283 -7.94 1.41 -23.53
C ASN A 283 -6.60 1.28 -22.83
N ARG A 284 -6.46 0.25 -21.97
CA ARG A 284 -5.23 0.06 -21.19
C ARG A 284 -3.98 -0.22 -22.05
N PRO A 285 -4.02 -1.15 -23.07
CA PRO A 285 -2.79 -1.37 -23.87
C PRO A 285 -2.27 -0.08 -24.52
N LEU A 286 -3.16 0.84 -24.92
CA LEU A 286 -2.73 2.10 -25.53
C LEU A 286 -1.94 2.97 -24.53
N ILE A 287 -2.43 3.05 -23.29
CA ILE A 287 -1.80 3.84 -22.23
C ILE A 287 -0.42 3.24 -21.91
N VAL A 288 -0.37 1.91 -21.76
CA VAL A 288 0.86 1.17 -21.46
C VAL A 288 1.88 1.37 -22.58
N GLN A 289 1.44 1.29 -23.84
CA GLN A 289 2.34 1.50 -24.99
C GLN A 289 2.84 2.94 -25.11
N SER A 290 1.99 3.93 -24.82
CA SER A 290 2.36 5.33 -24.93
C SER A 290 3.25 5.86 -23.81
N LEU A 291 2.94 5.50 -22.56
CA LEU A 291 3.62 6.09 -21.41
C LEU A 291 4.48 5.18 -20.59
N TRP A 292 4.43 3.86 -20.80
CA TRP A 292 5.20 2.93 -19.99
C TRP A 292 6.18 2.07 -20.81
N MET A 293 6.40 2.39 -22.13
CA MET A 293 7.29 1.61 -23.03
C MET A 293 6.93 0.10 -22.98
N ASN A 294 5.63 -0.22 -22.87
CA ASN A 294 5.16 -1.59 -22.75
C ASN A 294 5.79 -2.38 -21.61
N LYS A 295 6.20 -1.72 -20.51
CA LYS A 295 6.77 -2.42 -19.36
C LYS A 295 5.73 -2.60 -18.26
N ALA A 296 4.70 -1.74 -18.15
CA ALA A 296 3.62 -1.93 -17.16
C ALA A 296 2.80 -3.17 -17.54
N THR A 297 2.25 -3.88 -16.54
CA THR A 297 1.52 -5.14 -16.76
C THR A 297 0.03 -4.96 -16.47
N ILE A 298 -0.84 -5.54 -17.31
CA ILE A 298 -2.28 -5.42 -17.14
C ILE A 298 -2.77 -6.75 -16.59
N PRO A 299 -3.28 -6.81 -15.35
CA PRO A 299 -3.70 -8.10 -14.79
C PRO A 299 -5.05 -8.57 -15.32
N ASN A 300 -5.29 -9.89 -15.22
CA ASN A 300 -6.56 -10.47 -15.63
C ASN A 300 -7.52 -10.34 -14.45
N GLY A 301 -7.98 -9.12 -14.22
CA GLY A 301 -8.89 -8.80 -13.12
C GLY A 301 -8.17 -8.44 -11.84
N PHE A 302 -8.92 -8.48 -10.73
CA PHE A 302 -8.41 -8.20 -9.40
C PHE A 302 -7.79 -9.54 -8.94
N ASN A 303 -6.66 -9.88 -9.57
CA ASN A 303 -6.09 -11.21 -9.56
C ASN A 303 -4.60 -11.12 -9.82
N PHE A 304 -3.79 -11.46 -8.78
CA PHE A 304 -2.35 -11.30 -8.84
C PHE A 304 -1.58 -12.58 -8.44
N PRO A 305 -0.45 -12.92 -9.11
CA PRO A 305 0.24 -14.19 -8.77
C PRO A 305 0.64 -14.38 -7.32
N ASN A 306 0.91 -13.30 -6.58
CA ASN A 306 1.28 -13.42 -5.17
C ASN A 306 0.15 -13.99 -4.29
N TYR A 307 -1.10 -14.07 -4.80
CA TYR A 307 -2.20 -14.67 -4.06
C TYR A 307 -2.01 -16.21 -3.90
N GLY A 308 -1.15 -16.82 -4.71
CA GLY A 308 -0.82 -18.23 -4.63
C GLY A 308 -1.98 -19.15 -4.97
N LYS A 309 -2.58 -19.74 -3.94
CA LYS A 309 -3.71 -20.67 -4.15
C LYS A 309 -4.97 -19.94 -4.63
N THR A 310 -5.15 -18.66 -4.28
CA THR A 310 -6.28 -17.87 -4.74
C THR A 310 -5.91 -16.98 -5.98
N PHE A 311 -4.88 -17.36 -6.77
CA PHE A 311 -4.54 -16.68 -8.02
C PHE A 311 -5.10 -17.57 -9.13
N ASP A 312 -5.87 -16.99 -10.06
CA ASP A 312 -6.40 -17.77 -11.17
C ASP A 312 -5.59 -17.44 -12.44
N PRO A 313 -4.59 -18.27 -12.83
CA PRO A 313 -3.81 -17.93 -14.05
C PRO A 313 -4.59 -17.98 -15.36
N ASN A 314 -5.76 -18.65 -15.39
CA ASN A 314 -6.58 -18.76 -16.59
C ASN A 314 -7.74 -17.76 -16.65
N ARG A 315 -7.78 -16.76 -15.73
CA ARG A 315 -8.89 -15.80 -15.73
C ARG A 315 -8.87 -14.94 -16.97
N ARG A 316 -10.06 -14.58 -17.48
CA ARG A 316 -10.18 -13.74 -18.68
C ARG A 316 -9.67 -12.31 -18.40
N ALA A 317 -9.40 -11.57 -19.46
CA ALA A 317 -8.96 -10.19 -19.36
C ALA A 317 -10.11 -9.27 -18.98
N MET A 318 -9.81 -8.09 -18.41
CA MET A 318 -10.82 -7.09 -18.09
C MET A 318 -11.26 -6.52 -19.45
N GLU A 319 -12.56 -6.42 -19.66
CA GLU A 319 -13.07 -6.03 -20.98
C GLU A 319 -12.95 -4.52 -21.31
N TYR A 320 -12.89 -4.27 -22.63
CA TYR A 320 -12.83 -2.96 -23.24
C TYR A 320 -13.97 -3.00 -24.25
N ASN A 321 -15.04 -2.24 -24.02
CA ASN A 321 -16.20 -2.27 -24.91
C ASN A 321 -16.82 -0.88 -25.01
N ILE A 322 -16.33 -0.11 -25.98
CA ILE A 322 -16.80 1.25 -26.28
C ILE A 322 -18.29 1.24 -26.68
N GLU A 323 -18.75 0.23 -27.44
CA GLU A 323 -20.16 0.08 -27.82
C GLU A 323 -21.06 0.02 -26.57
N GLU A 324 -20.69 -0.80 -25.57
CA GLU A 324 -21.45 -0.94 -24.33
C GLU A 324 -21.32 0.31 -23.46
N ALA A 325 -20.11 0.93 -23.44
CA ALA A 325 -19.89 2.16 -22.69
C ALA A 325 -20.81 3.28 -23.18
N LYS A 326 -20.96 3.44 -24.50
CA LYS A 326 -21.83 4.48 -25.06
C LYS A 326 -23.29 4.21 -24.65
N ARG A 327 -23.70 2.92 -24.68
CA ARG A 327 -25.03 2.48 -24.30
C ARG A 327 -25.32 2.77 -22.83
N LEU A 328 -24.33 2.56 -21.94
CA LEU A 328 -24.52 2.82 -20.51
C LEU A 328 -24.53 4.31 -20.18
N VAL A 329 -23.85 5.17 -20.97
CA VAL A 329 -23.86 6.62 -20.73
C VAL A 329 -25.28 7.14 -20.92
N LYS A 330 -25.94 6.72 -22.01
CA LYS A 330 -27.31 7.13 -22.30
C LYS A 330 -28.33 6.66 -21.23
N GLU A 331 -28.28 5.38 -20.82
CA GLU A 331 -29.22 4.84 -19.83
C GLU A 331 -29.10 5.53 -18.47
N SER A 332 -27.91 6.05 -18.12
CA SER A 332 -27.70 6.76 -16.87
C SER A 332 -28.38 8.14 -16.80
N GLY A 333 -28.76 8.70 -17.95
CA GLY A 333 -29.33 10.04 -18.03
C GLY A 333 -28.27 11.12 -17.82
N TYR A 334 -27.01 10.81 -18.17
CA TYR A 334 -25.90 11.74 -18.01
C TYR A 334 -26.13 12.95 -18.92
N ASP A 335 -26.39 14.12 -18.31
CA ASP A 335 -26.75 15.36 -19.02
C ASP A 335 -25.58 16.11 -19.68
N GLY A 336 -24.34 15.66 -19.45
CA GLY A 336 -23.16 16.33 -20.00
C GLY A 336 -22.43 17.22 -19.01
N THR A 337 -22.85 17.22 -17.71
CA THR A 337 -22.24 18.07 -16.69
C THR A 337 -20.78 17.63 -16.50
N PRO A 338 -19.76 18.53 -16.54
CA PRO A 338 -18.39 18.04 -16.33
C PRO A 338 -18.18 17.39 -14.96
N ILE A 339 -17.36 16.32 -14.92
CA ILE A 339 -17.06 15.57 -13.71
C ILE A 339 -15.58 15.78 -13.43
N THR A 340 -15.22 16.16 -12.19
CA THR A 340 -13.81 16.37 -11.85
C THR A 340 -13.12 15.05 -11.61
N TYR A 341 -11.80 15.03 -11.84
CA TYR A 341 -10.92 13.89 -11.55
C TYR A 341 -9.75 14.53 -10.83
N HIS A 342 -9.64 14.24 -9.52
CA HIS A 342 -8.63 14.81 -8.65
C HIS A 342 -7.37 13.97 -8.63
N THR A 343 -6.20 14.63 -8.74
CA THR A 343 -4.89 13.97 -8.70
C THR A 343 -3.84 14.87 -8.06
N MET A 344 -3.08 14.32 -7.10
CA MET A 344 -2.03 15.06 -6.42
C MET A 344 -0.77 15.06 -7.33
N GLY A 345 -0.87 15.71 -8.49
CA GLY A 345 0.21 15.73 -9.46
C GLY A 345 0.54 14.33 -9.93
N ASN A 346 1.85 14.01 -9.97
CA ASN A 346 2.33 12.70 -10.35
C ASN A 346 2.89 11.98 -9.13
N TYR A 347 2.12 12.03 -8.02
CA TYR A 347 2.35 11.22 -6.81
C TYR A 347 2.36 9.74 -7.27
N TYR A 348 1.42 9.38 -8.19
CA TYR A 348 1.43 8.10 -8.88
C TYR A 348 2.16 8.39 -10.20
N ALA A 349 3.14 7.55 -10.56
CA ALA A 349 3.90 7.72 -11.80
C ALA A 349 2.96 7.72 -12.99
N ASN A 350 3.08 8.73 -13.86
CA ASN A 350 2.26 8.93 -15.04
C ASN A 350 0.80 9.22 -14.73
N ALA A 351 0.50 9.74 -13.53
CA ALA A 351 -0.87 10.03 -13.15
C ALA A 351 -1.50 11.08 -14.07
N VAL A 352 -0.79 12.18 -14.36
CA VAL A 352 -1.37 13.26 -15.15
C VAL A 352 -1.39 12.87 -16.65
N PRO A 353 -0.30 12.35 -17.27
CA PRO A 353 -0.39 11.93 -18.67
C PRO A 353 -1.43 10.81 -18.90
N ALA A 354 -1.56 9.83 -17.97
CA ALA A 354 -2.57 8.77 -18.14
C ALA A 354 -3.97 9.39 -18.13
N LEU A 355 -4.25 10.29 -17.17
CA LEU A 355 -5.53 10.98 -17.05
C LEU A 355 -5.88 11.72 -18.35
N MET A 356 -4.91 12.42 -18.96
CA MET A 356 -5.18 13.14 -20.20
C MET A 356 -5.59 12.20 -21.33
N MET A 357 -4.97 11.03 -21.41
CA MET A 357 -5.35 10.03 -22.41
C MET A 357 -6.77 9.51 -22.10
N MET A 358 -7.07 9.25 -20.81
CA MET A 358 -8.40 8.76 -20.43
C MET A 358 -9.48 9.84 -20.67
N ILE A 359 -9.18 11.14 -20.51
CA ILE A 359 -10.11 12.23 -20.81
C ILE A 359 -10.55 12.15 -22.29
N GLU A 360 -9.61 11.84 -23.19
CA GLU A 360 -9.94 11.72 -24.61
C GLU A 360 -10.79 10.49 -24.88
N MET A 361 -10.49 9.39 -24.19
CA MET A 361 -11.27 8.16 -24.33
C MET A 361 -12.71 8.39 -23.85
N TRP A 362 -12.87 9.12 -22.73
CA TRP A 362 -14.17 9.46 -22.18
C TRP A 362 -14.92 10.47 -23.04
N LYS A 363 -14.21 11.39 -23.70
CA LYS A 363 -14.84 12.33 -24.62
C LYS A 363 -15.49 11.56 -25.79
N GLN A 364 -14.86 10.46 -26.24
CA GLN A 364 -15.36 9.62 -27.33
C GLN A 364 -16.62 8.80 -26.96
N ILE A 365 -17.01 8.75 -25.64
CA ILE A 365 -18.26 8.10 -25.22
C ILE A 365 -19.29 9.15 -24.67
N GLY A 366 -19.07 10.44 -24.94
CA GLY A 366 -19.96 11.50 -24.50
C GLY A 366 -19.84 12.01 -23.08
N VAL A 367 -18.81 11.57 -22.30
CA VAL A 367 -18.60 12.01 -20.91
C VAL A 367 -17.50 13.07 -20.87
N THR A 368 -17.72 14.19 -20.18
CA THR A 368 -16.71 15.24 -20.09
C THR A 368 -16.07 15.19 -18.70
N VAL A 369 -14.77 14.89 -18.66
CA VAL A 369 -14.02 14.82 -17.41
C VAL A 369 -12.95 15.93 -17.42
N VAL A 370 -12.88 16.71 -16.32
CA VAL A 370 -11.95 17.83 -16.18
C VAL A 370 -10.85 17.45 -15.17
N PRO A 371 -9.56 17.71 -15.47
CA PRO A 371 -8.51 17.42 -14.50
C PRO A 371 -8.47 18.46 -13.37
N LYS A 372 -8.29 18.00 -12.12
CA LYS A 372 -8.17 18.86 -10.95
C LYS A 372 -6.88 18.42 -10.27
N VAL A 373 -5.77 19.10 -10.65
CA VAL A 373 -4.42 18.77 -10.18
C VAL A 373 -4.12 19.63 -8.95
N TYR A 374 -3.73 19.00 -7.83
CA TYR A 374 -3.46 19.70 -6.58
C TYR A 374 -2.09 19.34 -6.01
N ALA A 375 -1.55 20.25 -5.18
CA ALA A 375 -0.24 20.08 -4.55
C ALA A 375 -0.37 19.31 -3.22
N PRO A 376 0.71 18.68 -2.69
CA PRO A 376 0.59 17.96 -1.40
C PRO A 376 -0.01 18.81 -0.28
N GLY A 377 -0.95 18.23 0.45
CA GLY A 377 -1.67 18.93 1.51
C GLY A 377 -2.87 19.75 1.04
N GLY A 378 -3.08 19.82 -0.28
CA GLY A 378 -4.22 20.55 -0.84
C GLY A 378 -5.30 19.62 -1.34
N ALA A 379 -5.51 18.49 -0.66
CA ALA A 379 -6.52 17.50 -1.06
C ALA A 379 -7.93 18.07 -0.83
N PRO A 380 -8.92 17.75 -1.69
CA PRO A 380 -10.26 18.31 -1.47
C PRO A 380 -11.04 17.58 -0.38
N LYS A 381 -12.10 18.24 0.14
CA LYS A 381 -13.00 17.58 1.10
C LYS A 381 -13.75 16.49 0.33
N ASP A 382 -14.19 15.41 1.02
CA ASP A 382 -14.92 14.32 0.38
C ASP A 382 -16.13 14.82 -0.41
N GLN A 383 -16.91 15.77 0.17
CA GLN A 383 -18.04 16.41 -0.50
C GLN A 383 -17.71 17.01 -1.89
N ASP A 384 -16.44 17.39 -2.14
CA ASP A 384 -15.97 17.97 -3.40
C ASP A 384 -15.24 16.96 -4.31
N SER A 385 -14.99 15.73 -3.84
CA SER A 385 -14.34 14.70 -4.66
C SER A 385 -15.40 13.92 -5.44
N TYR A 386 -15.16 13.67 -6.73
CA TYR A 386 -16.04 12.88 -7.60
C TYR A 386 -15.19 11.69 -8.09
N MET A 387 -14.31 11.89 -9.10
CA MET A 387 -13.37 10.84 -9.54
C MET A 387 -12.00 11.16 -8.94
N ARG A 388 -11.23 10.14 -8.66
CA ARG A 388 -9.88 10.30 -8.14
C ARG A 388 -9.06 9.07 -8.51
N ASN A 389 -7.74 9.21 -8.41
CA ASN A 389 -6.85 8.08 -8.65
C ASN A 389 -6.44 7.51 -7.29
N TRP A 390 -6.04 6.25 -7.30
CA TRP A 390 -5.60 5.54 -6.10
C TRP A 390 -4.73 4.35 -6.55
N SER A 391 -4.15 3.66 -5.58
CA SER A 391 -3.42 2.43 -5.81
C SER A 391 -3.71 1.49 -4.64
N ASN A 392 -3.46 0.19 -4.83
CA ASN A 392 -3.54 -0.79 -3.75
C ASN A 392 -2.34 -1.72 -3.80
N GLY A 393 -1.55 -1.73 -2.75
CA GLY A 393 -0.46 -2.69 -2.63
C GLY A 393 -1.02 -4.03 -2.18
N GLN A 394 -0.63 -5.13 -2.86
CA GLN A 394 -1.10 -6.48 -2.59
C GLN A 394 -0.19 -7.09 -1.57
N TRP A 395 -0.49 -6.77 -0.31
CA TRP A 395 0.35 -7.01 0.86
C TRP A 395 0.24 -8.39 1.53
N MET A 396 -0.52 -9.36 0.98
CA MET A 396 -0.61 -10.71 1.56
C MET A 396 -0.51 -11.78 0.48
N THR A 397 -0.17 -13.01 0.88
CA THR A 397 -0.10 -14.14 -0.06
C THR A 397 -1.46 -14.82 -0.09
N ASP A 398 -2.51 -14.02 -0.23
CA ASP A 398 -3.88 -14.49 -0.21
C ASP A 398 -4.78 -13.39 -0.74
N ALA A 399 -5.75 -13.75 -1.57
CA ALA A 399 -6.66 -12.79 -2.19
C ALA A 399 -7.51 -11.99 -1.19
N TRP A 400 -7.49 -12.33 0.13
CA TRP A 400 -8.20 -11.52 1.13
C TRP A 400 -7.75 -10.04 1.03
N ALA A 401 -6.44 -9.82 0.78
CA ALA A 401 -5.92 -8.48 0.57
C ALA A 401 -5.74 -8.24 -0.96
N THR A 402 -6.24 -7.15 -1.58
CA THR A 402 -7.00 -6.04 -1.01
C THR A 402 -8.49 -6.07 -1.34
N MET A 403 -9.01 -7.12 -2.03
CA MET A 403 -10.44 -7.21 -2.32
C MET A 403 -11.31 -7.08 -1.06
N ILE A 404 -11.02 -7.82 0.01
CA ILE A 404 -11.83 -7.76 1.23
C ILE A 404 -11.40 -6.58 2.17
N CYS A 405 -10.09 -6.38 2.47
CA CYS A 405 -9.73 -5.29 3.41
C CYS A 405 -10.06 -3.90 2.87
N GLU A 406 -10.06 -3.66 1.54
CA GLU A 406 -10.45 -2.34 1.01
C GLU A 406 -11.90 -2.33 0.47
N PHE A 407 -12.33 -3.36 -0.27
CA PHE A 407 -13.66 -3.33 -0.92
C PHE A 407 -14.76 -4.12 -0.18
N GLY A 408 -14.41 -4.83 0.90
CA GLY A 408 -15.39 -5.59 1.67
C GLY A 408 -16.31 -4.77 2.56
N PRO A 409 -17.26 -5.44 3.28
CA PRO A 409 -18.22 -4.66 4.10
C PRO A 409 -17.64 -3.80 5.23
N LYS A 410 -16.47 -4.17 5.77
CA LYS A 410 -15.80 -3.41 6.84
C LYS A 410 -14.83 -2.30 6.29
N GLY A 411 -14.61 -2.26 4.96
CA GLY A 411 -13.68 -1.33 4.33
C GLY A 411 -14.12 0.09 4.08
N GLN A 412 -13.15 0.95 3.70
CA GLN A 412 -13.39 2.38 3.41
C GLN A 412 -14.13 2.66 2.10
N VAL A 413 -14.10 1.73 1.13
CA VAL A 413 -14.79 1.94 -0.14
C VAL A 413 -16.30 1.93 0.10
N GLN A 414 -16.78 0.99 0.93
CA GLN A 414 -18.21 0.94 1.27
C GLN A 414 -18.53 1.96 2.38
N LYS A 415 -17.73 1.99 3.46
CA LYS A 415 -18.03 2.88 4.60
C LYS A 415 -17.84 4.39 4.29
N ARG A 416 -16.63 4.82 3.96
CA ARG A 416 -16.35 6.24 3.69
C ARG A 416 -16.81 6.70 2.32
N TRP A 417 -16.52 5.92 1.27
CA TRP A 417 -16.79 6.36 -0.09
C TRP A 417 -18.13 5.89 -0.68
N GLY A 418 -19.02 5.34 0.14
CA GLY A 418 -20.39 5.04 -0.24
C GLY A 418 -20.75 3.99 -1.27
N TRP A 419 -19.91 2.95 -1.49
CA TRP A 419 -20.28 1.90 -2.44
C TRP A 419 -21.34 1.01 -1.81
N LYS A 420 -22.53 0.97 -2.43
CA LYS A 420 -23.63 0.11 -1.98
C LYS A 420 -23.41 -1.23 -2.70
N ALA A 421 -22.62 -2.11 -2.09
CA ALA A 421 -22.26 -3.39 -2.71
C ALA A 421 -23.43 -4.38 -2.70
N PRO A 422 -23.64 -5.20 -3.76
CA PRO A 422 -24.73 -6.20 -3.69
C PRO A 422 -24.56 -7.14 -2.50
N ALA A 423 -25.69 -7.56 -1.90
CA ALA A 423 -25.69 -8.46 -0.74
C ALA A 423 -24.85 -9.72 -0.99
N GLU A 424 -24.91 -10.30 -2.21
CA GLU A 424 -24.09 -11.48 -2.55
C GLU A 424 -22.60 -11.18 -2.36
N PHE A 425 -22.15 -9.97 -2.74
CA PHE A 425 -20.74 -9.60 -2.58
C PHE A 425 -20.34 -9.64 -1.10
N ASN A 426 -21.11 -8.98 -0.21
CA ASN A 426 -20.75 -8.96 1.22
C ASN A 426 -20.87 -10.33 1.89
N ASP A 427 -21.85 -11.16 1.43
CA ASP A 427 -21.98 -12.51 1.98
C ASP A 427 -20.79 -13.37 1.55
N LEU A 428 -20.33 -13.24 0.28
CA LEU A 428 -19.15 -13.97 -0.20
C LEU A 428 -17.89 -13.52 0.56
N CYS A 429 -17.73 -12.21 0.85
CA CYS A 429 -16.58 -11.71 1.65
C CYS A 429 -16.57 -12.40 3.02
N THR A 430 -17.74 -12.48 3.65
CA THR A 430 -17.90 -13.13 4.94
C THR A 430 -17.55 -14.62 4.84
N LYS A 431 -18.07 -15.30 3.81
CA LYS A 431 -17.86 -16.73 3.56
C LYS A 431 -16.38 -17.11 3.36
N VAL A 432 -15.66 -16.38 2.49
CA VAL A 432 -14.23 -16.66 2.23
C VAL A 432 -13.36 -16.50 3.46
N SER A 433 -13.73 -15.57 4.35
CA SER A 433 -12.98 -15.32 5.58
C SER A 433 -13.22 -16.41 6.66
N GLN A 434 -14.01 -17.47 6.35
CA GLN A 434 -14.30 -18.58 7.26
C GLN A 434 -13.62 -19.86 6.75
N ILE A 435 -13.84 -20.22 5.48
CA ILE A 435 -13.39 -21.48 4.89
C ILE A 435 -11.89 -21.49 4.53
N PRO A 436 -11.23 -22.67 4.51
CA PRO A 436 -9.80 -22.70 4.13
C PRO A 436 -9.57 -22.74 2.61
N ASP A 437 -8.29 -22.77 2.15
CA ASP A 437 -7.97 -22.87 0.73
C ASP A 437 -8.60 -24.15 0.15
N SER A 438 -9.38 -24.01 -0.91
CA SER A 438 -10.13 -25.11 -1.51
C SER A 438 -10.70 -24.69 -2.87
N LYS A 439 -11.39 -25.62 -3.58
CA LYS A 439 -12.08 -25.28 -4.83
C LYS A 439 -13.19 -24.24 -4.51
N GLU A 440 -13.88 -24.41 -3.36
CA GLU A 440 -14.94 -23.51 -2.94
C GLU A 440 -14.43 -22.08 -2.75
N ARG A 441 -13.25 -21.91 -2.12
CA ARG A 441 -12.68 -20.58 -1.85
C ARG A 441 -12.17 -19.93 -3.13
N PHE A 442 -11.48 -20.71 -3.99
CA PHE A 442 -10.96 -20.27 -5.28
C PHE A 442 -12.14 -19.74 -6.16
N ASP A 443 -13.22 -20.52 -6.28
CA ASP A 443 -14.39 -20.14 -7.07
C ASP A 443 -15.12 -18.92 -6.47
N ALA A 444 -15.13 -18.78 -5.13
CA ALA A 444 -15.77 -17.63 -4.46
C ALA A 444 -15.03 -16.32 -4.77
N PHE A 445 -13.69 -16.34 -4.73
CA PHE A 445 -12.92 -15.14 -5.10
C PHE A 445 -13.17 -14.76 -6.57
N ASN A 446 -13.34 -15.77 -7.45
CA ASN A 446 -13.65 -15.47 -8.85
C ASN A 446 -15.02 -14.80 -8.99
N ARG A 447 -16.00 -15.20 -8.17
CA ARG A 447 -17.33 -14.57 -8.18
C ARG A 447 -17.21 -13.14 -7.66
N LEU A 448 -16.40 -12.90 -6.63
CA LEU A 448 -16.15 -11.54 -6.12
C LEU A 448 -15.52 -10.66 -7.21
N ARG A 449 -14.57 -11.23 -7.98
CA ARG A 449 -13.91 -10.51 -9.07
C ARG A 449 -14.92 -10.14 -10.13
N ASP A 450 -15.84 -11.08 -10.48
CA ASP A 450 -16.90 -10.85 -11.47
C ASP A 450 -17.83 -9.73 -11.03
N ILE A 451 -18.18 -9.68 -9.73
CA ILE A 451 -19.10 -8.67 -9.20
C ILE A 451 -18.36 -7.33 -9.18
N PHE A 452 -17.08 -7.30 -8.76
CA PHE A 452 -16.25 -6.09 -8.80
C PHE A 452 -16.27 -5.41 -10.20
N GLU A 453 -16.12 -6.20 -11.28
CA GLU A 453 -16.10 -5.66 -12.64
C GLU A 453 -17.48 -5.20 -13.10
N GLU A 454 -18.54 -5.86 -12.63
CA GLU A 454 -19.91 -5.45 -12.97
C GLU A 454 -20.28 -4.15 -12.24
N GLU A 455 -19.88 -4.02 -10.97
CA GLU A 455 -20.23 -2.85 -10.13
C GLU A 455 -19.30 -1.65 -10.33
N ALA A 456 -18.06 -1.90 -10.73
CA ALA A 456 -17.03 -0.89 -10.93
C ALA A 456 -16.92 0.14 -9.79
N PRO A 457 -16.76 -0.28 -8.51
CA PRO A 457 -16.49 0.71 -7.45
C PRO A 457 -15.10 1.37 -7.65
N ALA A 458 -14.21 0.68 -8.36
CA ALA A 458 -12.90 1.12 -8.80
C ALA A 458 -12.62 0.45 -10.16
N VAL A 459 -11.69 1.01 -10.92
CA VAL A 459 -11.31 0.48 -12.21
C VAL A 459 -9.80 0.30 -12.20
N ILE A 460 -9.34 -0.95 -12.33
CA ILE A 460 -7.92 -1.28 -12.32
C ILE A 460 -7.30 -0.86 -13.64
N LEU A 461 -6.19 -0.13 -13.62
CA LEU A 461 -5.50 0.25 -14.85
C LEU A 461 -4.39 -0.75 -15.20
N TYR A 462 -3.41 -0.93 -14.30
CA TYR A 462 -2.24 -1.77 -14.54
C TYR A 462 -1.35 -1.79 -13.29
N GLN A 463 -0.39 -2.70 -13.27
CA GLN A 463 0.64 -2.77 -12.28
C GLN A 463 1.77 -1.89 -12.87
N PRO A 464 2.21 -0.81 -12.21
CA PRO A 464 3.29 0.01 -12.78
C PRO A 464 4.64 -0.67 -12.80
N PHE A 465 5.49 -0.30 -13.75
CA PHE A 465 6.86 -0.77 -13.78
C PHE A 465 7.54 0.31 -12.96
N ASP A 466 7.74 0.04 -11.67
CA ASP A 466 8.32 1.03 -10.78
C ASP A 466 9.80 1.15 -11.07
N VAL A 467 10.29 2.39 -11.17
CA VAL A 467 11.70 2.67 -11.45
C VAL A 467 12.25 3.63 -10.39
N TYR A 468 13.45 3.36 -9.89
CA TYR A 468 14.16 4.30 -9.04
C TYR A 468 15.60 4.46 -9.60
N ALA A 469 16.30 5.48 -9.11
CA ALA A 469 17.64 5.75 -9.57
C ALA A 469 18.51 6.16 -8.44
N ALA A 470 19.79 5.86 -8.57
CA ALA A 470 20.76 6.16 -7.53
C ALA A 470 22.17 6.25 -8.10
N ARG A 471 23.05 6.89 -7.35
CA ARG A 471 24.49 6.90 -7.61
C ARG A 471 24.98 5.47 -7.48
N LYS A 472 25.82 5.01 -8.40
CA LYS A 472 26.36 3.66 -8.32
C LYS A 472 27.16 3.47 -7.05
N ASP A 473 27.77 4.52 -6.49
CA ASP A 473 28.56 4.37 -5.25
C ASP A 473 27.72 4.38 -3.96
N VAL A 474 26.37 4.38 -4.08
CA VAL A 474 25.45 4.30 -2.95
C VAL A 474 24.93 2.87 -3.01
N HIS A 475 25.45 2.00 -2.15
CA HIS A 475 25.15 0.57 -2.22
C HIS A 475 24.03 0.07 -1.31
N TRP A 476 23.25 0.96 -0.72
CA TRP A 476 22.13 0.61 0.16
C TRP A 476 21.11 1.74 -0.01
N ARG A 477 19.91 1.41 -0.46
CA ARG A 477 18.90 2.41 -0.78
C ARG A 477 17.62 2.16 0.00
N PRO A 478 17.37 2.90 1.09
CA PRO A 478 16.16 2.63 1.89
C PRO A 478 14.91 3.22 1.26
N ILE A 479 14.43 2.57 0.20
CA ILE A 479 13.26 3.02 -0.56
C ILE A 479 12.17 1.90 -0.69
N SER A 480 12.35 0.75 0.01
CA SER A 480 11.45 -0.41 0.04
C SER A 480 10.88 -0.79 -1.32
C1 Y45 B . -1.44 1.63 -1.04
C2 Y45 B . -2.39 2.79 -0.79
C3 Y45 B . -3.12 2.66 0.54
C4 Y45 B . -3.80 1.29 0.65
C5 Y45 B . -2.77 0.19 0.39
C6 Y45 B . -3.38 -1.20 0.36
O1 Y45 B . -0.31 1.60 -0.20
O2 Y45 B . -1.62 4.01 -0.68
O3 Y45 B . -4.05 3.74 0.68
O4 Y45 B . -4.34 1.13 1.97
O5 Y45 B . -2.14 0.39 -0.89
O6 Y45 B . -4.50 -1.26 -0.52
C11 Y45 B . -2.63 8.62 -1.33
O11 Y45 B . -3.65 8.55 -2.29
OA2 Y45 B . -2.85 6.17 -1.31
C21 Y45 B . -2.51 7.34 -0.50
C31 Y45 B . -3.58 7.27 0.58
C51 Y45 B . -3.81 9.74 0.46
C61 Y45 B . -3.82 11.08 1.15
OAN Y45 B . -1.98 4.54 -3.04
PAM Y45 B . -1.72 5.25 -1.72
OAO Y45 B . -0.37 5.91 -1.65
O31 Y45 B . -3.37 6.15 1.43
C41 Y45 B . -3.61 8.56 1.40
O41 Y45 B . -4.67 8.52 2.34
O61 Y45 B . -2.60 11.32 1.83
O51 Y45 B . -2.73 9.78 -0.49
H6 Y45 B . -1.70 8.72 -1.91
H7 Y45 B . -3.63 9.42 -2.74
H8 Y45 B . -1.56 7.36 0.02
H9 Y45 B . -4.57 7.11 0.14
H10 Y45 B . -4.75 9.64 -0.09
H11 Y45 B . -4.62 11.14 1.89
H12 Y45 B . -3.95 11.89 0.42
H13 Y45 B . -2.50 6.26 1.86
H14 Y45 B . -2.63 8.65 1.90
H16 Y45 B . -4.41 8.99 3.16
H17 Y45 B . -1.91 11.42 1.15
#